data_1FCV
#
_entry.id   1FCV
#
_cell.length_a   71.012
_cell.length_b   71.012
_cell.length_c   151.326
_cell.angle_alpha   90.00
_cell.angle_beta   90.00
_cell.angle_gamma   120.00
#
_symmetry.space_group_name_H-M   'P 32 2 1'
#
loop_
_entity.id
_entity.type
_entity.pdbx_description
1 polymer HYALURONOGLUCOSAMINIDASE
2 branched 'alpha-D-glucopyranuronic acid-(1-3)-2-acetamido-2-deoxy-beta-D-glucopyranose-(1-4)-alpha-D-glucopyranuronic acid-(1-3)-2-acetamido-2-deoxy-beta-D-glucopyranose-(1-4)-alpha-D-glucopyranuronic acid'
3 water water
#
_entity_poly.entity_id   1
_entity_poly.type   'polypeptide(L)'
_entity_poly.pdbx_seq_one_letter_code
;TPDNNKTVREFNVYWNVPTFMCHKYGLRFEEVSEKYGILQNWMDKFRGEEIAILYDPGMFPALLKDPNGNVVARNGGVPQ
LGNLTKHLQVFRDHLINQIPDKSFPGVGVIDFESWRPIFRQNWASLQPYKKLSVEVVRREHPFWDDQRVEQEAKRRFEKY
GQLFMEETLKAAKRMRPAANWGYYAYPYCYNLTPNQPSAQCEATTMQENDKMSWLFESEDVLLPSVYLRWNLTSGERVGL
VGGRVKEALRIARQMTTSRKKVLPYYWYKYQDRRDTDLSRADLEATLRKITDLGADGFIIWGSSDDINTKAKCLQFREYL
NNELGPAVKRIALNNNANDRLTVDVSVDQV
;
_entity_poly.pdbx_strand_id   A
#
loop_
_chem_comp.id
_chem_comp.type
_chem_comp.name
_chem_comp.formula
GCU D-saccharide, alpha linking 'alpha-D-glucopyranuronic acid' 'C6 H10 O7'
NAG D-saccharide, beta linking 2-acetamido-2-deoxy-beta-D-glucopyranose 'C8 H15 N O6'
#
# COMPACT_ATOMS: atom_id res chain seq x y z
N GLU A 10 -22.04 -4.11 -5.90
CA GLU A 10 -21.67 -3.76 -4.49
C GLU A 10 -20.41 -2.90 -4.48
N PHE A 11 -20.47 -1.81 -3.72
CA PHE A 11 -19.41 -0.82 -3.74
C PHE A 11 -19.23 -0.19 -2.37
N ASN A 12 -18.26 -0.68 -1.60
CA ASN A 12 -17.99 -0.20 -0.28
C ASN A 12 -16.81 0.76 -0.14
N VAL A 13 -17.00 1.85 0.58
CA VAL A 13 -15.94 2.81 0.91
C VAL A 13 -15.55 2.59 2.38
N TYR A 14 -14.28 2.60 2.71
CA TYR A 14 -13.73 2.30 4.00
C TYR A 14 -12.95 3.49 4.53
N TRP A 15 -12.96 3.67 5.84
CA TRP A 15 -12.26 4.83 6.41
C TRP A 15 -11.01 4.34 7.15
N ASN A 16 -9.87 4.83 6.70
CA ASN A 16 -8.59 4.45 7.26
C ASN A 16 -7.79 5.73 7.54
N VAL A 17 -8.50 6.76 7.97
CA VAL A 17 -7.85 8.01 8.36
C VAL A 17 -7.70 7.88 9.86
N PRO A 18 -6.55 8.20 10.42
CA PRO A 18 -6.31 8.03 11.85
C PRO A 18 -6.92 9.10 12.74
N THR A 19 -8.23 9.30 12.66
CA THR A 19 -8.99 10.25 13.45
C THR A 19 -9.08 9.88 14.92
N PHE A 20 -8.56 8.80 15.44
CA PHE A 20 -8.46 8.44 16.85
C PHE A 20 -7.60 9.49 17.55
N MET A 21 -6.65 10.10 16.84
CA MET A 21 -5.85 11.22 17.23
C MET A 21 -6.65 12.46 17.67
N CYS A 22 -7.91 12.60 17.25
CA CYS A 22 -8.75 13.71 17.59
C CYS A 22 -9.76 13.39 18.69
N HIS A 23 -9.74 12.16 19.21
CA HIS A 23 -10.72 11.75 20.23
C HIS A 23 -10.49 12.52 21.51
N LYS A 24 -9.23 12.82 21.84
CA LYS A 24 -8.88 13.60 23.02
C LYS A 24 -9.52 14.99 23.04
N TYR A 25 -9.94 15.56 21.92
CA TYR A 25 -10.48 16.89 21.85
C TYR A 25 -12.01 16.83 21.75
N GLY A 26 -12.56 15.62 21.83
CA GLY A 26 -14.00 15.45 21.74
C GLY A 26 -14.53 15.25 20.35
N LEU A 27 -13.73 15.16 19.31
CA LEU A 27 -14.16 14.94 17.93
C LEU A 27 -14.12 13.45 17.58
N ARG A 28 -15.22 12.74 17.53
CA ARG A 28 -15.18 11.30 17.26
C ARG A 28 -15.51 10.89 15.85
N PHE A 29 -15.69 11.80 14.91
CA PHE A 29 -16.01 11.57 13.52
C PHE A 29 -17.10 10.55 13.27
N GLU A 30 -18.12 10.44 14.08
CA GLU A 30 -19.26 9.55 13.92
C GLU A 30 -20.02 9.74 12.61
N GLU A 31 -19.98 10.94 12.03
CA GLU A 31 -20.64 11.27 10.79
C GLU A 31 -20.05 10.55 9.58
N VAL A 32 -18.82 10.04 9.69
CA VAL A 32 -18.18 9.30 8.62
C VAL A 32 -19.15 8.20 8.19
N SER A 33 -19.62 7.41 9.15
CA SER A 33 -20.56 6.37 8.82
C SER A 33 -22.00 6.79 9.05
N GLU A 34 -22.32 7.59 10.07
CA GLU A 34 -23.72 7.97 10.31
C GLU A 34 -24.31 8.83 9.20
N LYS A 35 -23.57 9.70 8.52
CA LYS A 35 -24.19 10.48 7.47
C LYS A 35 -23.64 10.15 6.07
N TYR A 36 -22.37 9.80 5.94
CA TYR A 36 -21.83 9.54 4.61
C TYR A 36 -21.75 8.07 4.24
N GLY A 37 -22.15 7.13 5.06
CA GLY A 37 -22.19 5.72 4.75
C GLY A 37 -20.85 5.06 4.45
N ILE A 38 -19.76 5.61 5.00
CA ILE A 38 -18.45 5.03 4.82
C ILE A 38 -18.24 3.93 5.85
N LEU A 39 -17.80 2.72 5.51
CA LEU A 39 -17.58 1.71 6.52
C LEU A 39 -16.51 2.20 7.50
N GLN A 40 -16.85 2.17 8.80
CA GLN A 40 -15.95 2.63 9.83
C GLN A 40 -15.86 1.66 11.00
N ASN A 41 -14.66 1.44 11.55
CA ASN A 41 -14.48 0.57 12.72
C ASN A 41 -15.29 1.14 13.92
N TRP A 42 -15.95 0.22 14.63
CA TRP A 42 -16.73 0.62 15.79
C TRP A 42 -15.92 1.53 16.70
N MET A 43 -16.53 2.62 17.13
CA MET A 43 -16.04 3.68 17.99
C MET A 43 -14.93 4.52 17.41
N ASP A 44 -14.77 4.49 16.11
CA ASP A 44 -13.75 5.14 15.33
C ASP A 44 -12.33 4.71 15.72
N LYS A 45 -12.17 3.51 16.27
CA LYS A 45 -10.82 3.00 16.55
C LYS A 45 -10.03 2.80 15.28
N PHE A 46 -8.73 3.01 15.29
CA PHE A 46 -7.88 2.85 14.13
C PHE A 46 -8.01 1.46 13.51
N ARG A 47 -7.76 0.43 14.34
CA ARG A 47 -7.91 -0.94 13.86
C ARG A 47 -9.21 -1.50 14.43
N GLY A 48 -10.01 -2.18 13.62
CA GLY A 48 -11.23 -2.78 14.15
C GLY A 48 -11.73 -3.86 13.20
N GLU A 49 -13.04 -4.05 13.22
CA GLU A 49 -13.68 -5.08 12.43
C GLU A 49 -13.85 -4.72 10.96
N GLU A 50 -13.64 -3.48 10.55
CA GLU A 50 -13.79 -3.14 9.15
C GLU A 50 -12.42 -3.13 8.51
N ILE A 51 -11.47 -2.44 9.15
CA ILE A 51 -10.14 -2.40 8.53
C ILE A 51 -9.01 -2.33 9.52
N ALA A 52 -7.85 -2.82 9.09
CA ALA A 52 -6.66 -2.78 9.94
C ALA A 52 -5.46 -2.69 9.00
N ILE A 53 -4.66 -1.66 9.23
CA ILE A 53 -3.45 -1.59 8.41
C ILE A 53 -2.28 -1.91 9.31
N LEU A 54 -1.30 -2.64 8.83
CA LEU A 54 -0.11 -2.99 9.59
C LEU A 54 1.07 -2.29 8.93
N TYR A 55 1.66 -1.29 9.55
CA TYR A 55 2.80 -0.57 9.03
C TYR A 55 4.11 -1.30 9.32
N ASP A 56 4.87 -1.72 8.32
CA ASP A 56 6.14 -2.44 8.54
C ASP A 56 6.14 -3.46 9.67
N PRO A 57 5.25 -4.45 9.66
CA PRO A 57 5.16 -5.42 10.75
C PRO A 57 6.27 -6.45 10.66
N GLY A 58 6.52 -7.17 11.75
CA GLY A 58 7.55 -8.21 11.70
C GLY A 58 8.93 -7.56 11.70
N MET A 59 9.88 -8.23 11.08
CA MET A 59 11.25 -7.77 10.99
C MET A 59 11.75 -8.01 9.57
N PHE A 60 11.02 -7.37 8.65
CA PHE A 60 11.34 -7.42 7.23
C PHE A 60 12.76 -6.90 7.06
N PRO A 61 13.57 -7.54 6.25
CA PRO A 61 14.91 -7.04 5.99
C PRO A 61 14.83 -5.68 5.33
N ALA A 62 15.60 -4.68 5.79
CA ALA A 62 15.60 -3.38 5.17
C ALA A 62 16.92 -2.66 5.47
N LEU A 63 17.13 -1.57 4.76
CA LEU A 63 18.27 -0.70 4.94
C LEU A 63 17.82 0.62 5.54
N LEU A 64 18.24 0.89 6.77
CA LEU A 64 17.81 2.12 7.42
C LEU A 64 19.01 3.02 7.65
N LYS A 65 18.79 4.27 8.02
CA LYS A 65 19.87 5.20 8.30
C LYS A 65 19.69 5.95 9.61
N ASP A 66 20.74 6.00 10.42
CA ASP A 66 20.78 6.74 11.66
C ASP A 66 20.74 8.23 11.23
N PRO A 67 20.43 9.12 12.16
CA PRO A 67 20.66 10.55 12.01
C PRO A 67 22.16 10.78 11.95
N ASN A 68 22.90 9.96 12.70
CA ASN A 68 24.35 9.88 12.60
C ASN A 68 24.68 9.69 11.13
N GLY A 69 24.14 8.68 10.45
CA GLY A 69 24.36 8.59 9.01
C GLY A 69 24.83 7.18 8.64
N ASN A 70 24.99 6.35 9.65
CA ASN A 70 25.37 4.98 9.41
C ASN A 70 24.17 4.17 8.93
N VAL A 71 24.47 3.32 7.94
CA VAL A 71 23.47 2.46 7.35
C VAL A 71 23.28 1.28 8.28
N VAL A 72 22.04 0.99 8.67
CA VAL A 72 21.78 -0.17 9.51
C VAL A 72 21.07 -1.18 8.61
N ALA A 73 21.52 -2.42 8.66
CA ALA A 73 20.89 -3.47 7.89
C ALA A 73 20.00 -4.25 8.86
N ARG A 74 18.73 -3.86 8.96
CA ARG A 74 17.79 -4.59 9.79
C ARG A 74 17.61 -5.99 9.22
N ASN A 75 17.77 -7.03 9.99
CA ASN A 75 17.59 -8.42 9.60
C ASN A 75 18.15 -8.80 8.24
N GLY A 76 19.41 -8.42 8.01
CA GLY A 76 20.11 -8.72 6.79
C GLY A 76 20.33 -7.56 5.86
N GLY A 77 19.38 -6.64 5.82
CA GLY A 77 19.42 -5.59 4.80
C GLY A 77 18.67 -6.05 3.56
N VAL A 78 19.16 -7.10 2.91
CA VAL A 78 18.50 -7.60 1.72
C VAL A 78 17.86 -8.95 2.05
N PRO A 79 16.80 -9.30 1.33
CA PRO A 79 16.03 -10.50 1.61
C PRO A 79 16.89 -11.74 1.72
N GLN A 80 17.84 -11.91 0.81
CA GLN A 80 18.67 -13.09 0.71
C GLN A 80 19.57 -13.30 1.93
N LEU A 81 19.81 -12.23 2.70
CA LEU A 81 20.56 -12.30 3.92
C LEU A 81 19.69 -12.41 5.15
N GLY A 82 18.38 -12.33 5.10
CA GLY A 82 17.54 -12.39 6.25
C GLY A 82 17.12 -13.64 6.94
N ASN A 83 16.74 -13.50 8.24
CA ASN A 83 16.23 -14.64 8.99
C ASN A 83 14.70 -14.67 8.90
N LEU A 84 14.22 -15.53 8.00
CA LEU A 84 12.79 -15.70 7.78
C LEU A 84 12.05 -16.07 9.05
N THR A 85 12.57 -17.05 9.78
CA THR A 85 11.82 -17.53 10.94
C THR A 85 11.82 -16.50 12.06
N LYS A 86 12.87 -15.70 12.15
CA LYS A 86 12.86 -14.60 13.14
C LYS A 86 11.86 -13.54 12.72
N HIS A 87 11.71 -13.29 11.42
CA HIS A 87 10.73 -12.31 10.95
C HIS A 87 9.33 -12.81 11.30
N LEU A 88 9.06 -14.09 11.03
CA LEU A 88 7.72 -14.60 11.24
C LEU A 88 7.33 -14.73 12.71
N GLN A 89 8.24 -14.92 13.68
CA GLN A 89 7.74 -14.94 15.05
C GLN A 89 7.32 -13.51 15.44
N VAL A 90 8.15 -12.54 15.09
CA VAL A 90 7.84 -11.14 15.40
C VAL A 90 6.54 -10.78 14.71
N PHE A 91 6.38 -11.17 13.44
CA PHE A 91 5.16 -10.86 12.70
C PHE A 91 3.93 -11.47 13.39
N ARG A 92 4.02 -12.73 13.82
CA ARG A 92 2.90 -13.39 14.47
C ARG A 92 2.56 -12.74 15.81
N ASP A 93 3.55 -12.20 16.53
CA ASP A 93 3.27 -11.59 17.82
C ASP A 93 2.72 -10.18 17.72
N HIS A 94 3.12 -9.40 16.74
CA HIS A 94 2.45 -8.12 16.45
C HIS A 94 0.99 -8.37 16.10
N LEU A 95 0.73 -9.18 15.09
CA LEU A 95 -0.59 -9.55 14.63
C LEU A 95 -1.52 -9.96 15.75
N ILE A 96 -1.09 -10.85 16.62
CA ILE A 96 -1.90 -11.20 17.79
C ILE A 96 -2.41 -9.96 18.51
N ASN A 97 -1.52 -8.99 18.78
CA ASN A 97 -1.90 -7.82 19.56
C ASN A 97 -2.62 -6.77 18.73
N GLN A 98 -2.17 -6.57 17.51
CA GLN A 98 -2.76 -5.60 16.59
C GLN A 98 -4.17 -5.99 16.19
N ILE A 99 -4.45 -7.26 15.90
CA ILE A 99 -5.77 -7.71 15.52
C ILE A 99 -6.15 -8.87 16.44
N PRO A 100 -6.52 -8.57 17.67
CA PRO A 100 -6.80 -9.54 18.72
C PRO A 100 -7.89 -10.54 18.45
N ASP A 101 -8.88 -10.22 17.66
CA ASP A 101 -10.00 -11.02 17.28
C ASP A 101 -9.68 -12.00 16.16
N LYS A 102 -9.71 -13.29 16.47
CA LYS A 102 -9.52 -14.39 15.56
C LYS A 102 -10.49 -14.43 14.39
N SER A 103 -11.71 -13.93 14.55
CA SER A 103 -12.67 -13.93 13.46
C SER A 103 -12.76 -12.67 12.65
N PHE A 104 -11.77 -11.81 12.86
CA PHE A 104 -11.74 -10.56 12.10
C PHE A 104 -12.00 -10.83 10.63
N PRO A 105 -13.11 -10.32 10.12
CA PRO A 105 -13.50 -10.49 8.73
C PRO A 105 -13.27 -9.26 7.89
N GLY A 106 -12.63 -8.21 8.39
CA GLY A 106 -12.46 -6.98 7.66
C GLY A 106 -11.36 -7.00 6.62
N VAL A 107 -10.98 -5.86 6.06
CA VAL A 107 -9.86 -5.72 5.16
C VAL A 107 -8.57 -5.59 6.00
N GLY A 108 -7.60 -6.44 5.71
CA GLY A 108 -6.33 -6.52 6.36
C GLY A 108 -5.24 -6.13 5.38
N VAL A 109 -4.53 -5.07 5.69
CA VAL A 109 -3.55 -4.44 4.83
C VAL A 109 -2.12 -4.44 5.34
N ILE A 110 -1.17 -5.11 4.67
CA ILE A 110 0.19 -5.04 5.18
C ILE A 110 0.90 -3.91 4.44
N ASP A 111 1.41 -2.92 5.14
CA ASP A 111 2.11 -1.83 4.46
C ASP A 111 3.60 -2.16 4.57
N PHE A 112 4.16 -2.71 3.51
CA PHE A 112 5.57 -3.11 3.49
C PHE A 112 6.17 -2.46 2.25
N GLU A 113 6.97 -1.43 2.47
CA GLU A 113 7.52 -0.64 1.39
C GLU A 113 9.04 -0.64 1.31
N SER A 114 9.75 -1.42 2.10
CA SER A 114 11.20 -1.41 2.08
C SER A 114 11.84 -1.67 0.73
N TRP A 115 11.42 -2.61 -0.07
CA TRP A 115 11.99 -3.00 -1.34
C TRP A 115 10.88 -3.68 -2.15
N ARG A 116 11.02 -3.75 -3.45
CA ARG A 116 10.12 -4.48 -4.32
C ARG A 116 10.75 -5.85 -4.61
N PRO A 117 9.93 -6.84 -4.89
CA PRO A 117 10.39 -8.19 -5.08
C PRO A 117 11.03 -8.49 -6.41
N ILE A 118 10.89 -7.62 -7.37
CA ILE A 118 11.48 -7.65 -8.69
C ILE A 118 12.72 -6.76 -8.64
N PHE A 119 13.89 -7.35 -8.87
CA PHE A 119 15.15 -6.67 -8.79
C PHE A 119 15.25 -5.40 -9.60
N ARG A 120 14.77 -5.46 -10.84
CA ARG A 120 14.74 -4.32 -11.73
C ARG A 120 13.97 -3.14 -11.12
N GLN A 121 12.92 -3.39 -10.35
CA GLN A 121 12.05 -2.31 -9.90
C GLN A 121 12.62 -1.52 -8.75
N ASN A 122 13.74 -1.93 -8.15
CA ASN A 122 14.31 -1.19 -7.03
C ASN A 122 15.19 -0.07 -7.53
N TRP A 123 14.63 0.90 -8.25
CA TRP A 123 15.35 2.00 -8.82
C TRP A 123 15.42 3.18 -7.84
N ALA A 124 15.98 4.27 -8.35
CA ALA A 124 16.09 5.53 -7.61
C ALA A 124 16.46 5.31 -6.17
N SER A 125 15.68 5.74 -5.17
CA SER A 125 16.13 5.51 -3.80
C SER A 125 16.08 4.05 -3.40
N LEU A 126 15.58 3.07 -4.16
CA LEU A 126 15.68 1.69 -3.70
C LEU A 126 16.93 1.02 -4.24
N GLN A 127 17.81 1.80 -4.89
CA GLN A 127 19.04 1.34 -5.48
C GLN A 127 20.03 0.66 -4.55
N PRO A 128 20.25 1.12 -3.34
CA PRO A 128 21.12 0.51 -2.35
C PRO A 128 20.89 -0.98 -2.19
N TYR A 129 19.66 -1.43 -2.37
CA TYR A 129 19.30 -2.83 -2.42
C TYR A 129 19.90 -3.54 -3.63
N LYS A 130 20.14 -2.87 -4.75
CA LYS A 130 20.80 -3.56 -5.88
C LYS A 130 22.29 -3.57 -5.66
N LYS A 131 22.85 -2.45 -5.22
CA LYS A 131 24.27 -2.37 -4.93
C LYS A 131 24.71 -3.47 -3.94
N LEU A 132 24.03 -3.44 -2.79
CA LEU A 132 24.38 -4.35 -1.71
C LEU A 132 24.31 -5.81 -2.13
N SER A 133 23.26 -6.16 -2.87
CA SER A 133 23.06 -7.51 -3.37
C SER A 133 24.22 -7.94 -4.25
N VAL A 134 24.69 -6.99 -5.07
CA VAL A 134 25.83 -7.29 -5.96
C VAL A 134 27.08 -7.38 -5.14
N GLU A 135 27.28 -6.52 -4.17
CA GLU A 135 28.47 -6.54 -3.32
C GLU A 135 28.59 -7.85 -2.56
N VAL A 136 27.51 -8.40 -2.03
CA VAL A 136 27.63 -9.67 -1.29
C VAL A 136 28.23 -10.76 -2.17
N VAL A 137 27.83 -10.84 -3.43
CA VAL A 137 28.32 -11.86 -4.33
C VAL A 137 29.80 -11.64 -4.68
N ARG A 138 30.17 -10.41 -5.02
CA ARG A 138 31.58 -10.11 -5.27
C ARG A 138 32.50 -10.51 -4.13
N ARG A 139 32.19 -10.24 -2.87
CA ARG A 139 33.00 -10.63 -1.73
C ARG A 139 33.18 -12.15 -1.65
N GLU A 140 32.16 -12.90 -2.06
CA GLU A 140 32.13 -14.33 -2.05
C GLU A 140 32.94 -14.93 -3.20
N HIS A 141 32.81 -14.33 -4.38
CA HIS A 141 33.41 -14.78 -5.62
C HIS A 141 34.22 -13.68 -6.28
N PRO A 142 35.47 -13.51 -5.85
CA PRO A 142 36.33 -12.47 -6.36
C PRO A 142 36.68 -12.64 -7.83
N PHE A 143 36.76 -13.90 -8.28
CA PHE A 143 37.12 -14.17 -9.66
C PHE A 143 35.98 -14.13 -10.65
N TRP A 144 34.72 -14.17 -10.22
CA TRP A 144 33.61 -14.08 -11.17
C TRP A 144 33.61 -12.73 -11.88
N ASP A 145 33.15 -12.73 -13.13
CA ASP A 145 33.03 -11.52 -13.92
C ASP A 145 31.71 -10.83 -13.61
N ASP A 146 31.57 -9.58 -14.01
CA ASP A 146 30.42 -8.75 -13.77
C ASP A 146 29.10 -9.47 -13.98
N GLN A 147 28.85 -9.82 -15.23
CA GLN A 147 27.64 -10.50 -15.68
C GLN A 147 27.28 -11.66 -14.79
N ARG A 148 28.24 -12.51 -14.45
CA ARG A 148 27.95 -13.66 -13.60
C ARG A 148 27.42 -13.21 -12.24
N VAL A 149 28.06 -12.21 -11.66
CA VAL A 149 27.74 -11.62 -10.39
C VAL A 149 26.34 -11.02 -10.32
N GLU A 150 26.01 -10.15 -11.27
CA GLU A 150 24.73 -9.46 -11.28
C GLU A 150 23.60 -10.47 -11.41
N GLN A 151 23.80 -11.42 -12.29
CA GLN A 151 22.86 -12.49 -12.57
C GLN A 151 22.49 -13.22 -11.29
N GLU A 152 23.46 -13.51 -10.44
CA GLU A 152 23.32 -14.28 -9.23
C GLU A 152 22.80 -13.44 -8.09
N ALA A 153 23.17 -12.15 -8.12
CA ALA A 153 22.61 -11.20 -7.15
C ALA A 153 21.10 -11.16 -7.33
N LYS A 154 20.63 -10.88 -8.54
CA LYS A 154 19.25 -10.84 -8.92
C LYS A 154 18.55 -12.14 -8.57
N ARG A 155 19.11 -13.27 -8.92
CA ARG A 155 18.54 -14.59 -8.64
C ARG A 155 18.25 -14.71 -7.15
N ARG A 156 19.23 -14.41 -6.32
CA ARG A 156 19.15 -14.46 -4.89
C ARG A 156 18.11 -13.53 -4.28
N PHE A 157 18.13 -12.27 -4.70
CA PHE A 157 17.21 -11.26 -4.20
C PHE A 157 15.79 -11.67 -4.57
N GLU A 158 15.62 -12.07 -5.84
CA GLU A 158 14.27 -12.46 -6.28
C GLU A 158 13.69 -13.68 -5.63
N LYS A 159 14.49 -14.72 -5.42
CA LYS A 159 14.04 -15.91 -4.74
C LYS A 159 13.57 -15.61 -3.32
N TYR A 160 14.41 -14.96 -2.54
CA TYR A 160 14.15 -14.57 -1.18
C TYR A 160 13.21 -13.39 -1.01
N GLY A 161 13.06 -12.52 -2.01
CA GLY A 161 12.07 -11.45 -1.94
C GLY A 161 10.70 -12.13 -2.01
N GLN A 162 10.55 -13.08 -2.94
CA GLN A 162 9.28 -13.76 -3.03
C GLN A 162 8.98 -14.51 -1.74
N LEU A 163 9.94 -15.27 -1.25
CA LEU A 163 9.84 -16.02 -0.02
C LEU A 163 9.42 -15.15 1.15
N PHE A 164 10.04 -13.99 1.41
CA PHE A 164 9.61 -13.17 2.51
C PHE A 164 8.19 -12.65 2.37
N MET A 165 7.78 -12.28 1.18
CA MET A 165 6.45 -11.79 0.94
C MET A 165 5.41 -12.90 0.98
N GLU A 166 5.71 -14.05 0.40
CA GLU A 166 4.70 -15.10 0.30
C GLU A 166 4.45 -15.70 1.68
N GLU A 167 5.54 -15.90 2.42
CA GLU A 167 5.46 -16.50 3.74
C GLU A 167 4.75 -15.60 4.76
N THR A 168 4.94 -14.29 4.71
CA THR A 168 4.24 -13.41 5.63
C THR A 168 2.73 -13.38 5.41
N LEU A 169 2.32 -13.38 4.16
CA LEU A 169 0.93 -13.38 3.74
C LEU A 169 0.25 -14.69 4.11
N LYS A 170 0.98 -15.80 4.02
CA LYS A 170 0.38 -17.08 4.42
C LYS A 170 0.24 -17.09 5.93
N ALA A 171 1.14 -16.40 6.63
CA ALA A 171 1.04 -16.38 8.10
C ALA A 171 -0.20 -15.58 8.50
N ALA A 172 -0.46 -14.48 7.81
CA ALA A 172 -1.62 -13.65 8.11
C ALA A 172 -2.89 -14.47 7.93
N LYS A 173 -2.94 -15.13 6.76
CA LYS A 173 -4.08 -15.94 6.39
C LYS A 173 -4.29 -17.10 7.35
N ARG A 174 -3.23 -17.73 7.80
CA ARG A 174 -3.30 -18.84 8.75
C ARG A 174 -3.94 -18.30 10.04
N MET A 175 -3.37 -17.23 10.58
CA MET A 175 -3.80 -16.61 11.79
C MET A 175 -5.18 -16.01 11.76
N ARG A 176 -5.56 -15.31 10.71
CA ARG A 176 -6.87 -14.65 10.60
C ARG A 176 -7.56 -15.05 9.32
N PRO A 177 -8.14 -16.26 9.28
CA PRO A 177 -8.54 -16.82 8.00
C PRO A 177 -9.73 -16.17 7.38
N ALA A 178 -10.47 -15.32 8.09
CA ALA A 178 -11.64 -14.70 7.46
C ALA A 178 -11.33 -13.29 6.99
N ALA A 179 -10.13 -12.76 7.21
CA ALA A 179 -9.81 -11.45 6.72
C ALA A 179 -9.53 -11.50 5.22
N ASN A 180 -9.53 -10.29 4.68
CA ASN A 180 -9.20 -10.06 3.26
C ASN A 180 -7.83 -9.36 3.18
N TRP A 181 -6.77 -10.14 3.09
CA TRP A 181 -5.42 -9.64 3.12
C TRP A 181 -4.88 -9.18 1.77
N GLY A 182 -4.07 -8.14 1.86
CA GLY A 182 -3.52 -7.60 0.57
C GLY A 182 -2.38 -6.69 0.94
N TYR A 183 -1.42 -6.56 0.02
CA TYR A 183 -0.28 -5.69 0.34
C TYR A 183 -0.57 -4.28 -0.13
N TYR A 184 -0.33 -3.29 0.72
CA TYR A 184 -0.55 -1.90 0.28
C TYR A 184 0.23 -1.64 -1.01
N ALA A 185 -0.30 -0.96 -1.99
CA ALA A 185 0.33 -0.54 -3.24
C ALA A 185 0.53 -1.53 -4.37
N TYR A 186 0.24 -2.81 -4.29
CA TYR A 186 0.39 -3.79 -5.36
C TYR A 186 -0.98 -3.91 -6.02
N PRO A 187 -1.01 -3.93 -7.35
CA PRO A 187 0.20 -3.88 -8.17
C PRO A 187 0.64 -2.47 -8.51
N TYR A 188 1.92 -2.27 -8.73
CA TYR A 188 2.48 -1.05 -9.24
C TYR A 188 2.22 -0.93 -10.72
N CYS A 189 2.29 0.27 -11.25
CA CYS A 189 1.99 0.66 -12.62
C CYS A 189 3.01 1.69 -13.09
N TYR A 190 3.47 2.60 -12.23
CA TYR A 190 4.47 3.61 -12.54
C TYR A 190 4.10 4.40 -13.78
N ASN A 191 2.88 4.86 -13.94
CA ASN A 191 2.36 5.73 -14.98
C ASN A 191 2.57 7.16 -14.52
N LEU A 192 2.79 8.13 -15.40
CA LEU A 192 3.06 9.53 -15.02
C LEU A 192 4.24 9.56 -14.05
N THR A 193 5.32 8.95 -14.53
CA THR A 193 6.56 8.82 -13.74
C THR A 193 7.70 9.10 -14.70
N PRO A 194 8.92 9.14 -14.23
CA PRO A 194 10.09 9.36 -15.07
C PRO A 194 10.37 8.09 -15.88
N ASN A 195 10.12 6.94 -15.27
CA ASN A 195 10.26 5.66 -15.96
C ASN A 195 9.19 5.57 -17.06
N GLN A 196 7.95 5.85 -16.71
CA GLN A 196 6.85 5.82 -17.68
C GLN A 196 6.02 7.09 -17.66
N PRO A 197 6.39 8.07 -18.48
CA PRO A 197 5.86 9.41 -18.45
C PRO A 197 4.52 9.69 -19.11
N SER A 198 3.68 8.69 -19.30
CA SER A 198 2.35 8.83 -19.85
C SER A 198 1.40 8.25 -18.80
N ALA A 199 0.11 8.30 -19.06
CA ALA A 199 -0.88 7.71 -18.18
C ALA A 199 -0.96 6.19 -18.30
N GLN A 200 -0.20 5.54 -19.15
CA GLN A 200 -0.24 4.09 -19.31
C GLN A 200 0.78 3.46 -18.38
N CYS A 201 0.57 2.26 -17.86
CA CYS A 201 1.58 1.65 -16.99
C CYS A 201 2.84 1.32 -17.78
N GLU A 202 4.00 1.31 -17.14
CA GLU A 202 5.23 0.97 -17.87
C GLU A 202 5.08 -0.48 -18.33
N ALA A 203 5.27 -0.76 -19.60
CA ALA A 203 5.12 -2.08 -20.19
C ALA A 203 5.85 -3.25 -19.54
N THR A 204 7.05 -3.12 -19.03
CA THR A 204 7.75 -4.24 -18.41
C THR A 204 7.12 -4.55 -17.05
N THR A 205 6.62 -3.50 -16.38
CA THR A 205 5.90 -3.71 -15.13
C THR A 205 4.70 -4.61 -15.37
N MET A 206 3.94 -4.38 -16.44
CA MET A 206 2.85 -5.29 -16.79
C MET A 206 3.34 -6.73 -16.94
N GLN A 207 4.38 -7.03 -17.73
CA GLN A 207 4.88 -8.41 -17.79
C GLN A 207 5.34 -8.88 -16.40
N GLU A 208 5.95 -8.03 -15.60
CA GLU A 208 6.38 -8.44 -14.27
C GLU A 208 5.19 -8.73 -13.38
N ASN A 209 4.08 -8.02 -13.53
CA ASN A 209 2.89 -8.31 -12.74
C ASN A 209 2.30 -9.65 -13.13
N ASP A 210 2.34 -10.09 -14.39
CA ASP A 210 1.84 -11.40 -14.77
C ASP A 210 2.73 -12.50 -14.20
N LYS A 211 4.00 -12.20 -14.07
CA LYS A 211 4.95 -13.14 -13.48
C LYS A 211 4.78 -13.26 -11.98
N MET A 212 4.12 -12.35 -11.30
CA MET A 212 3.84 -12.30 -9.90
C MET A 212 2.47 -12.86 -9.54
N SER A 213 2.02 -13.88 -10.23
CA SER A 213 0.84 -14.64 -9.89
C SER A 213 0.89 -15.24 -8.49
N TRP A 214 2.09 -15.58 -8.00
CA TRP A 214 2.19 -16.14 -6.67
C TRP A 214 1.65 -15.14 -5.65
N LEU A 215 1.85 -13.83 -5.79
CA LEU A 215 1.29 -12.86 -4.87
C LEU A 215 -0.20 -12.61 -5.08
N PHE A 216 -0.63 -12.21 -6.26
CA PHE A 216 -2.01 -11.91 -6.57
C PHE A 216 -2.93 -13.09 -6.40
N GLU A 217 -2.50 -14.31 -6.66
CA GLU A 217 -3.33 -15.49 -6.40
C GLU A 217 -3.55 -15.65 -4.90
N SER A 218 -2.57 -15.43 -4.03
CA SER A 218 -2.86 -15.62 -2.61
C SER A 218 -3.51 -14.46 -1.89
N GLU A 219 -3.51 -13.26 -2.44
CA GLU A 219 -4.19 -12.13 -1.81
C GLU A 219 -5.69 -12.19 -2.15
N ASP A 220 -6.44 -11.50 -1.33
CA ASP A 220 -7.86 -11.37 -1.46
C ASP A 220 -8.20 -10.00 -2.09
N VAL A 221 -7.30 -9.05 -1.88
CA VAL A 221 -7.58 -7.69 -2.33
C VAL A 221 -6.40 -6.97 -2.93
N LEU A 222 -6.58 -6.30 -4.09
CA LEU A 222 -5.44 -5.58 -4.70
C LEU A 222 -5.64 -4.12 -4.30
N LEU A 223 -4.54 -3.48 -3.91
CA LEU A 223 -4.53 -2.17 -3.29
C LEU A 223 -3.58 -1.14 -3.88
N PRO A 224 -3.83 -0.74 -5.14
CA PRO A 224 -3.02 0.25 -5.81
C PRO A 224 -3.16 1.62 -5.16
N SER A 225 -2.07 2.34 -4.98
CA SER A 225 -2.06 3.64 -4.35
C SER A 225 -2.36 4.67 -5.42
N VAL A 226 -3.39 5.49 -5.21
CA VAL A 226 -3.76 6.40 -6.29
C VAL A 226 -3.72 7.83 -5.81
N TYR A 227 -2.71 8.12 -5.01
CA TYR A 227 -2.52 9.47 -4.46
C TYR A 227 -2.37 10.48 -5.56
N LEU A 228 -3.00 11.65 -5.59
CA LEU A 228 -2.73 12.59 -6.68
C LEU A 228 -1.58 13.55 -6.45
N ARG A 229 -1.10 14.13 -7.56
CA ARG A 229 -0.12 15.22 -7.46
C ARG A 229 -0.76 16.50 -8.01
N TRP A 230 -0.40 17.60 -7.39
CA TRP A 230 -0.92 18.90 -7.76
C TRP A 230 -0.27 19.28 -9.09
N ASN A 231 1.01 18.99 -9.24
CA ASN A 231 1.71 19.36 -10.45
C ASN A 231 1.45 18.43 -11.58
N LEU A 232 0.24 18.37 -12.08
CA LEU A 232 -0.30 17.57 -13.14
C LEU A 232 -1.52 18.29 -13.69
N THR A 233 -1.85 18.12 -14.97
CA THR A 233 -3.08 18.79 -15.44
C THR A 233 -4.26 18.02 -14.83
N SER A 234 -5.49 18.51 -15.00
CA SER A 234 -6.64 17.79 -14.52
C SER A 234 -6.81 16.46 -15.23
N GLY A 235 -6.62 16.40 -16.54
CA GLY A 235 -6.69 15.14 -17.26
C GLY A 235 -5.69 14.13 -16.69
N GLU A 236 -4.46 14.58 -16.45
CA GLU A 236 -3.44 13.69 -15.94
C GLU A 236 -3.78 13.11 -14.59
N ARG A 237 -4.42 13.83 -13.69
CA ARG A 237 -4.87 13.38 -12.41
C ARG A 237 -5.90 12.26 -12.56
N VAL A 238 -6.81 12.40 -13.54
CA VAL A 238 -7.78 11.33 -13.79
C VAL A 238 -7.07 10.12 -14.38
N GLY A 239 -6.13 10.32 -15.28
CA GLY A 239 -5.32 9.31 -15.92
C GLY A 239 -4.41 8.59 -14.93
N LEU A 240 -3.98 9.31 -13.88
CA LEU A 240 -3.15 8.72 -12.85
C LEU A 240 -3.94 7.59 -12.20
N VAL A 241 -5.10 7.95 -11.63
CA VAL A 241 -6.00 6.97 -11.03
C VAL A 241 -6.42 5.89 -12.01
N GLY A 242 -6.93 6.25 -13.20
CA GLY A 242 -7.43 5.30 -14.15
C GLY A 242 -6.47 4.20 -14.56
N GLY A 243 -5.24 4.50 -14.93
CA GLY A 243 -4.25 3.55 -15.37
C GLY A 243 -3.91 2.52 -14.30
N ARG A 244 -3.89 2.95 -13.05
CA ARG A 244 -3.58 2.09 -11.93
C ARG A 244 -4.69 1.12 -11.55
N VAL A 245 -5.92 1.58 -11.65
CA VAL A 245 -7.06 0.73 -11.37
C VAL A 245 -7.32 -0.21 -12.54
N LYS A 246 -7.13 0.20 -13.79
CA LYS A 246 -7.34 -0.80 -14.85
C LYS A 246 -6.36 -1.96 -14.67
N GLU A 247 -5.09 -1.64 -14.41
CA GLU A 247 -4.07 -2.63 -14.23
C GLU A 247 -4.46 -3.61 -13.11
N ALA A 248 -4.95 -3.12 -11.96
CA ALA A 248 -5.39 -3.98 -10.89
C ALA A 248 -6.51 -4.90 -11.38
N LEU A 249 -7.50 -4.32 -12.08
CA LEU A 249 -8.60 -5.05 -12.68
C LEU A 249 -8.14 -6.09 -13.69
N ARG A 250 -7.16 -5.74 -14.52
CA ARG A 250 -6.54 -6.66 -15.44
C ARG A 250 -6.07 -7.93 -14.74
N ILE A 251 -5.27 -7.74 -13.70
CA ILE A 251 -4.71 -8.79 -12.90
C ILE A 251 -5.83 -9.55 -12.21
N ALA A 252 -6.74 -8.80 -11.61
CA ALA A 252 -7.89 -9.37 -10.90
C ALA A 252 -8.76 -10.31 -11.73
N ARG A 253 -8.96 -10.09 -13.02
CA ARG A 253 -9.77 -10.97 -13.83
C ARG A 253 -9.04 -12.18 -14.35
N GLN A 254 -7.74 -12.30 -14.19
CA GLN A 254 -6.97 -13.46 -14.58
C GLN A 254 -6.85 -14.43 -13.38
N MET A 255 -7.10 -13.93 -12.17
CA MET A 255 -6.96 -14.77 -10.99
C MET A 255 -7.93 -15.94 -11.12
N THR A 256 -7.62 -16.99 -10.40
CA THR A 256 -8.25 -18.31 -10.54
C THR A 256 -8.65 -19.03 -9.29
N THR A 257 -8.03 -18.71 -8.16
CA THR A 257 -8.33 -19.30 -6.89
C THR A 257 -9.62 -18.71 -6.31
N SER A 258 -9.87 -17.41 -6.52
CA SER A 258 -11.11 -16.85 -5.98
C SER A 258 -11.41 -15.47 -6.56
N ARG A 259 -12.51 -14.84 -6.15
CA ARG A 259 -12.79 -13.49 -6.62
C ARG A 259 -11.75 -12.60 -5.93
N LYS A 260 -11.32 -11.54 -6.59
CA LYS A 260 -10.35 -10.63 -6.03
C LYS A 260 -11.00 -9.26 -5.97
N LYS A 261 -10.91 -8.54 -4.88
CA LYS A 261 -11.49 -7.22 -4.80
C LYS A 261 -10.45 -6.16 -5.10
N VAL A 262 -10.85 -5.19 -5.90
CA VAL A 262 -9.97 -4.05 -6.17
C VAL A 262 -10.46 -2.90 -5.28
N LEU A 263 -9.61 -2.46 -4.38
CA LEU A 263 -9.97 -1.41 -3.44
C LEU A 263 -8.77 -0.45 -3.40
N PRO A 264 -8.73 0.52 -4.28
CA PRO A 264 -7.60 1.43 -4.34
C PRO A 264 -7.49 2.34 -3.13
N TYR A 265 -6.26 2.68 -2.76
CA TYR A 265 -5.93 3.52 -1.62
C TYR A 265 -5.94 4.98 -2.07
N TYR A 266 -6.82 5.76 -1.46
CA TYR A 266 -7.07 7.15 -1.84
C TYR A 266 -6.72 8.06 -0.68
N TRP A 267 -6.04 9.15 -0.94
CA TRP A 267 -5.62 10.15 -0.02
C TRP A 267 -6.31 11.49 -0.40
N TYR A 268 -6.72 12.25 0.62
CA TYR A 268 -7.33 13.54 0.42
C TYR A 268 -6.33 14.67 0.38
N LYS A 269 -5.02 14.46 0.41
CA LYS A 269 -4.09 15.56 0.21
C LYS A 269 -3.34 15.32 -1.12
N TYR A 270 -2.87 16.38 -1.75
CA TYR A 270 -2.00 16.29 -2.92
C TYR A 270 -0.65 15.89 -2.34
N GLN A 271 -0.06 14.84 -2.84
CA GLN A 271 1.21 14.31 -2.37
C GLN A 271 2.39 15.24 -2.41
N ASP A 272 2.50 16.11 -3.39
CA ASP A 272 3.55 17.09 -3.58
C ASP A 272 3.17 18.45 -3.03
N ARG A 273 2.18 18.49 -2.17
CA ARG A 273 1.60 19.75 -1.72
C ARG A 273 0.57 19.47 -0.62
N ARG A 274 1.06 18.81 0.43
CA ARG A 274 0.28 18.41 1.59
C ARG A 274 -0.55 19.46 2.30
N ASP A 275 -0.26 20.72 2.25
CA ASP A 275 -1.07 21.78 2.83
C ASP A 275 -2.43 21.89 2.14
N THR A 276 -2.51 21.50 0.89
CA THR A 276 -3.71 21.54 0.09
C THR A 276 -4.50 20.25 0.11
N ASP A 277 -5.81 20.38 0.34
CA ASP A 277 -6.70 19.23 0.30
C ASP A 277 -7.19 19.11 -1.13
N LEU A 278 -7.62 17.91 -1.55
CA LEU A 278 -8.06 17.76 -2.92
C LEU A 278 -9.21 18.72 -3.18
N SER A 279 -9.22 19.29 -4.37
CA SER A 279 -10.29 20.17 -4.82
C SER A 279 -11.56 19.36 -4.97
N ARG A 280 -12.75 19.96 -4.92
CA ARG A 280 -13.99 19.23 -5.18
C ARG A 280 -14.05 18.75 -6.64
N ALA A 281 -13.54 19.57 -7.56
CA ALA A 281 -13.45 19.12 -8.95
C ALA A 281 -12.61 17.84 -9.02
N ASP A 282 -11.40 17.81 -8.42
CA ASP A 282 -10.61 16.59 -8.44
C ASP A 282 -11.31 15.42 -7.74
N LEU A 283 -12.05 15.61 -6.68
CA LEU A 283 -12.71 14.51 -5.98
C LEU A 283 -13.74 13.81 -6.84
N GLU A 284 -14.57 14.59 -7.52
CA GLU A 284 -15.62 14.05 -8.35
C GLU A 284 -15.10 13.34 -9.57
N ALA A 285 -14.11 13.90 -10.26
CA ALA A 285 -13.65 13.25 -11.49
C ALA A 285 -12.92 11.95 -11.15
N THR A 286 -12.05 11.99 -10.14
CA THR A 286 -11.30 10.79 -9.79
C THR A 286 -12.17 9.72 -9.13
N LEU A 287 -13.14 10.04 -8.26
CA LEU A 287 -14.02 9.04 -7.70
C LEU A 287 -14.97 8.43 -8.74
N ARG A 288 -15.29 9.18 -9.77
CA ARG A 288 -16.16 8.73 -10.85
C ARG A 288 -15.39 7.74 -11.73
N LYS A 289 -14.09 7.95 -11.83
CA LYS A 289 -13.19 7.11 -12.59
C LYS A 289 -13.06 5.73 -11.95
N ILE A 290 -12.97 5.79 -10.62
CA ILE A 290 -12.87 4.54 -9.85
C ILE A 290 -14.13 3.73 -10.03
N THR A 291 -15.27 4.38 -9.82
CA THR A 291 -16.60 3.83 -9.94
C THR A 291 -16.93 3.37 -11.34
N ASP A 292 -16.70 4.14 -12.39
CA ASP A 292 -16.98 3.71 -13.75
C ASP A 292 -16.06 2.55 -14.12
N LEU A 293 -14.83 2.46 -13.61
CA LEU A 293 -13.97 1.35 -14.02
C LEU A 293 -14.43 0.02 -13.47
N GLY A 294 -15.25 0.00 -12.43
CA GLY A 294 -15.82 -1.21 -11.88
C GLY A 294 -15.08 -1.78 -10.68
N ALA A 295 -14.40 -0.96 -9.89
CA ALA A 295 -13.70 -1.44 -8.71
C ALA A 295 -14.77 -1.78 -7.66
N ASP A 296 -14.41 -2.38 -6.55
CA ASP A 296 -15.33 -2.76 -5.50
C ASP A 296 -15.54 -1.69 -4.45
N GLY A 297 -14.91 -0.53 -4.62
CA GLY A 297 -14.97 0.53 -3.62
C GLY A 297 -13.58 1.16 -3.52
N PHE A 298 -13.28 1.86 -2.43
CA PHE A 298 -11.95 2.45 -2.26
C PHE A 298 -11.69 2.65 -0.77
N ILE A 299 -10.44 2.99 -0.42
CA ILE A 299 -10.04 3.17 0.97
C ILE A 299 -9.46 4.57 1.14
N ILE A 300 -10.05 5.36 2.00
CA ILE A 300 -9.55 6.70 2.31
C ILE A 300 -8.55 6.63 3.46
N TRP A 301 -7.31 7.03 3.16
CA TRP A 301 -6.22 7.02 4.10
C TRP A 301 -5.80 8.44 4.50
N GLY A 302 -5.06 8.57 5.62
CA GLY A 302 -4.48 9.82 5.98
C GLY A 302 -3.31 9.68 6.93
N SER A 303 -2.45 10.68 6.99
CA SER A 303 -1.33 10.61 7.92
C SER A 303 -1.72 11.18 9.28
N SER A 304 -1.22 10.65 10.38
CA SER A 304 -1.44 11.23 11.70
C SER A 304 -0.76 12.59 11.88
N ASP A 305 0.14 13.04 11.02
CA ASP A 305 0.76 14.33 11.04
C ASP A 305 -0.15 15.39 10.43
N ASP A 306 -1.26 15.00 9.78
CA ASP A 306 -2.11 16.04 9.21
C ASP A 306 -3.26 16.37 10.15
N ILE A 307 -3.37 15.64 11.27
CA ILE A 307 -4.43 15.88 12.24
C ILE A 307 -3.85 15.67 13.64
N ASN A 308 -2.64 16.21 13.88
CA ASN A 308 -2.00 15.97 15.17
C ASN A 308 -2.07 17.15 16.12
N THR A 309 -3.09 17.99 16.00
CA THR A 309 -3.31 19.13 16.87
C THR A 309 -4.82 19.41 16.81
N LYS A 310 -5.32 20.11 17.80
CA LYS A 310 -6.72 20.48 17.83
C LYS A 310 -7.12 21.26 16.58
N ALA A 311 -6.33 22.25 16.20
CA ALA A 311 -6.59 23.13 15.08
C ALA A 311 -6.77 22.35 13.78
N LYS A 312 -5.84 21.41 13.55
CA LYS A 312 -5.91 20.58 12.37
C LYS A 312 -7.11 19.65 12.37
N CYS A 313 -7.39 19.00 13.51
CA CYS A 313 -8.55 18.13 13.56
C CYS A 313 -9.80 18.91 13.18
N LEU A 314 -9.98 20.11 13.74
CA LEU A 314 -11.15 20.89 13.39
C LEU A 314 -11.20 21.19 11.90
N GLN A 315 -10.08 21.62 11.32
CA GLN A 315 -10.07 21.90 9.88
C GLN A 315 -10.39 20.67 9.06
N PHE A 316 -9.87 19.49 9.41
CA PHE A 316 -10.17 18.30 8.63
C PHE A 316 -11.66 17.96 8.69
N ARG A 317 -12.22 18.09 9.89
CA ARG A 317 -13.63 17.89 10.15
C ARG A 317 -14.45 18.77 9.23
N GLU A 318 -14.10 20.06 9.14
CA GLU A 318 -14.77 20.95 8.21
C GLU A 318 -14.70 20.43 6.80
N TYR A 319 -13.52 20.04 6.29
CA TYR A 319 -13.40 19.47 4.94
C TYR A 319 -14.19 18.18 4.82
N LEU A 320 -14.09 17.31 5.83
CA LEU A 320 -14.92 16.11 5.83
C LEU A 320 -16.37 16.50 5.51
N ASN A 321 -16.99 17.34 6.33
CA ASN A 321 -18.38 17.71 6.11
C ASN A 321 -18.68 18.59 4.93
N ASN A 322 -17.82 19.44 4.41
CA ASN A 322 -18.15 20.31 3.32
C ASN A 322 -17.73 19.82 1.96
N GLU A 323 -16.78 18.88 1.87
CA GLU A 323 -16.24 18.45 0.60
C GLU A 323 -16.13 16.95 0.39
N LEU A 324 -15.24 16.31 1.14
CA LEU A 324 -15.00 14.89 1.01
C LEU A 324 -16.23 14.04 1.26
N GLY A 325 -16.88 14.12 2.41
CA GLY A 325 -18.07 13.34 2.70
C GLY A 325 -19.11 13.41 1.60
N PRO A 326 -19.58 14.63 1.29
CA PRO A 326 -20.59 14.84 0.29
C PRO A 326 -20.23 14.23 -1.06
N ALA A 327 -19.02 14.44 -1.55
CA ALA A 327 -18.54 13.85 -2.79
C ALA A 327 -18.65 12.34 -2.70
N VAL A 328 -18.10 11.80 -1.61
CA VAL A 328 -18.19 10.34 -1.41
C VAL A 328 -19.65 9.92 -1.48
N LYS A 329 -20.54 10.57 -0.78
CA LYS A 329 -21.95 10.23 -0.78
C LYS A 329 -22.61 10.45 -2.14
N ARG A 330 -22.36 11.49 -2.89
CA ARG A 330 -23.02 11.68 -4.17
C ARG A 330 -22.46 10.72 -5.22
N ILE A 331 -21.15 10.68 -5.44
CA ILE A 331 -20.59 9.80 -6.46
C ILE A 331 -20.61 8.39 -5.91
N ALA A 332 -19.49 7.82 -5.51
CA ALA A 332 -19.44 6.50 -4.89
C ALA A 332 -20.71 6.16 -4.10
N LEU A 333 -21.26 6.46 -3.23
CA LEU A 333 -22.48 5.80 -2.69
C LEU A 333 -23.77 6.46 -3.17
O4 GCU B . 3.19 5.16 0.70
C1 NAG B . 3.09 5.94 1.79
C2 NAG B . 2.90 5.35 3.15
C3 NAG B . 2.89 6.49 4.16
C4 NAG B . 3.48 7.76 3.55
C5 NAG B . 2.58 8.22 2.41
C6 NAG B . 2.99 9.52 1.78
C7 NAG B . 0.45 4.67 2.92
C8 NAG B . -0.53 3.61 3.33
N2 NAG B . 1.75 4.43 3.30
O3 NAG B . 3.54 6.10 5.32
O4 NAG B . 3.57 8.84 4.49
O5 NAG B . 2.50 7.16 1.46
O6 NAG B . 2.92 9.62 0.35
O7 NAG B . 0.11 5.66 2.27
C1 GCU B . 2.99 5.98 6.49
C2 GCU B . 4.07 5.35 7.38
C3 GCU B . 3.55 5.14 8.77
C4 GCU B . 3.06 6.45 9.36
C5 GCU B . 1.96 7.03 8.48
C6 GCU B . 1.47 8.38 8.87
O2 GCU B . 4.38 4.10 6.77
O3 GCU B . 4.54 4.55 9.63
O4 GCU B . 2.65 6.28 10.69
O5 GCU B . 2.41 7.07 7.14
O6A GCU B . 2.17 9.38 8.56
O6B GCU B . 0.39 8.43 9.49
C1 NAG B . 3.09 7.14 11.61
C2 NAG B . 2.40 6.81 12.93
C3 NAG B . 2.86 7.77 14.02
C4 NAG B . 4.40 7.78 14.08
C5 NAG B . 5.00 8.05 12.71
C6 NAG B . 6.51 7.98 12.65
C7 NAG B . 0.17 5.70 12.92
C8 NAG B . -1.32 5.81 12.69
N2 NAG B . 0.94 6.80 12.72
O3 NAG B . 2.48 7.30 15.29
O4 NAG B . 4.82 8.82 14.96
O5 NAG B . 4.50 7.10 11.78
O6 NAG B . 7.05 6.66 12.70
O7 NAG B . 0.63 4.62 13.28
C1 GCU B . 1.44 7.73 15.96
C2 GCU B . 0.98 6.64 16.92
C3 GCU B . -0.18 7.07 17.79
C4 GCU B . 0.11 8.42 18.44
C5 GCU B . 0.70 9.39 17.40
C6 GCU B . 1.07 10.72 17.94
O2 GCU B . 0.61 5.47 16.21
O3 GCU B . -0.42 6.13 18.86
O4 GCU B . -1.14 8.95 18.88
O5 GCU B . 1.84 8.84 16.78
O6A GCU B . 2.10 11.22 17.44
O6B GCU B . 0.24 11.08 18.80
#